data_4F7A
#
_entry.id   4F7A
#
_cell.length_a   160.379
_cell.length_b   160.379
_cell.length_c   160.379
_cell.angle_alpha   90.000
_cell.angle_beta   90.000
_cell.angle_gamma   90.000
#
_symmetry.space_group_name_H-M   'P 43 3 2'
#
loop_
_entity.id
_entity.type
_entity.pdbx_description
1 polymer 'Putative uncharacterized protein'
2 non-polymer GLYCEROL
3 non-polymer 'TRIETHYLENE GLYCOL'
4 non-polymer 'SODIUM ION'
5 non-polymer 'ACETATE ION'
6 water water
#
_entity_poly.entity_id   1
_entity_poly.type   'polypeptide(L)'
_entity_poly.pdbx_seq_one_letter_code
;GDNKINGSFDDTVKEYDFQKYTTNFETIQKGIYFNYDWGEGTTWPWQTFQNLNHD(MSE)FSGYFHDFASKFSDKNTVYA
LEAGWTASAWNYTYNYIFPVAHKSTLITQDEAKYKHFYGATLILKVEA(MSE)HRITDTYGPIVYSKFGKNETNSVDTQE
EAYKAFFDDLDKAVDALDTYLKEGGKEDGVKSIN(MSE)CNCPTASRWIKFANSLRLRLA(MSE)RVSNVDKTLATSEAQ
KALENSYGVIESSDENIQISGKGYQNPLAGVAGWGETY(MSE)GATIASVLNGYEDPRISIYYNPATLAEHTEEYLGVPQ
GVYAKDGDPNYYQSYSFINTQTITASTPAVLLTAAETWFLRAEASLRGINPKNESAKQCYEAGVQTSFSQWGAGDASLYL
TSKGKPTDYINYAAGPGKD(MSE)KALITTTPNFDDAVNQEEQLEKIITQKWIACWPEG(MSE)EAWAEQRRTGYPKLFK
VQTNNSNGTIDTDI(MSE)IRRLPFSQDDAKKDPEQYKNLCTALGGADNGGTRLWWDTGKNNF
;
_entity_poly.pdbx_strand_id   A
#
loop_
_chem_comp.id
_chem_comp.type
_chem_comp.name
_chem_comp.formula
ACT non-polymer 'ACETATE ION' 'C2 H3 O2 -1'
GOL non-polymer GLYCEROL 'C3 H8 O3'
NA non-polymer 'SODIUM ION' 'Na 1'
PGE non-polymer 'TRIETHYLENE GLYCOL' 'C6 H14 O4'
#
# COMPACT_ATOMS: atom_id res chain seq x y z
N LYS A 14 -23.42 -13.20 26.52
CA LYS A 14 -22.12 -12.62 26.09
C LYS A 14 -21.37 -13.56 25.12
N GLU A 15 -21.39 -14.87 25.38
CA GLU A 15 -20.72 -15.86 24.50
C GLU A 15 -21.43 -16.09 23.15
N TYR A 16 -22.76 -16.07 23.14
CA TYR A 16 -23.53 -16.15 21.89
C TYR A 16 -23.19 -14.94 20.99
N ASP A 17 -23.13 -13.75 21.57
CA ASP A 17 -22.74 -12.51 20.85
C ASP A 17 -21.27 -12.50 20.42
N PHE A 18 -20.37 -12.99 21.28
CA PHE A 18 -18.98 -13.14 20.89
C PHE A 18 -18.86 -13.94 19.58
N GLN A 19 -19.46 -15.13 19.53
CA GLN A 19 -19.40 -15.96 18.31
C GLN A 19 -20.11 -15.28 17.14
N LYS A 20 -21.15 -14.49 17.46
CA LYS A 20 -21.93 -13.79 16.44
C LYS A 20 -21.07 -12.75 15.74
N TYR A 21 -20.40 -11.88 16.51
CA TYR A 21 -19.72 -10.69 15.93
C TYR A 21 -18.21 -10.71 15.87
N THR A 22 -17.56 -11.20 16.92
CA THR A 22 -16.13 -10.96 17.08
CA THR A 22 -16.12 -10.99 17.10
C THR A 22 -15.28 -11.77 16.11
N THR A 23 -15.67 -13.02 15.84
N THR A 23 -15.68 -13.00 15.84
CA THR A 23 -14.91 -13.88 14.93
CA THR A 23 -14.92 -13.88 14.94
C THR A 23 -14.79 -13.29 13.52
C THR A 23 -14.82 -13.33 13.51
N ASN A 24 -15.86 -12.66 13.04
CA ASN A 24 -15.81 -12.00 11.72
C ASN A 24 -14.69 -10.95 11.67
N PHE A 25 -14.54 -10.18 12.74
CA PHE A 25 -13.53 -9.16 12.81
C PHE A 25 -12.12 -9.73 12.75
N GLU A 26 -11.95 -10.92 13.31
CA GLU A 26 -10.67 -11.60 13.30
C GLU A 26 -10.27 -12.00 11.87
N THR A 27 -11.21 -12.61 11.15
CA THR A 27 -10.96 -12.99 9.76
C THR A 27 -10.67 -11.78 8.86
N ILE A 28 -11.45 -10.72 9.03
CA ILE A 28 -11.26 -9.54 8.19
C ILE A 28 -9.89 -8.91 8.43
N GLN A 29 -9.54 -8.70 9.70
CA GLN A 29 -8.27 -8.07 10.03
C GLN A 29 -7.04 -8.91 9.63
N LYS A 30 -7.17 -10.24 9.71
CA LYS A 30 -6.10 -11.13 9.23
C LYS A 30 -6.02 -11.17 7.71
N GLY A 31 -7.06 -10.72 7.04
CA GLY A 31 -7.20 -10.89 5.61
C GLY A 31 -6.85 -9.68 4.77
N ILE A 32 -6.46 -8.56 5.39
CA ILE A 32 -6.07 -7.34 4.65
C ILE A 32 -4.63 -7.50 4.07
N TYR A 33 -3.61 -7.47 4.95
CA TYR A 33 -2.22 -7.91 4.63
C TYR A 33 -2.26 -9.40 4.88
N PHE A 34 -2.72 -10.09 3.84
CA PHE A 34 -3.41 -11.35 3.97
C PHE A 34 -2.55 -12.40 4.61
N ASN A 35 -2.99 -12.94 5.74
CA ASN A 35 -2.38 -14.15 6.28
C ASN A 35 -3.38 -14.96 7.08
N TYR A 36 -4.56 -15.10 6.48
CA TYR A 36 -5.66 -15.84 7.04
C TYR A 36 -5.57 -17.29 6.60
N ASP A 37 -5.61 -18.20 7.58
CA ASP A 37 -5.50 -19.63 7.32
C ASP A 37 -6.91 -20.23 7.18
N TRP A 38 -7.29 -20.56 5.95
CA TRP A 38 -8.61 -21.14 5.67
C TRP A 38 -8.59 -22.65 5.82
N GLY A 39 -7.44 -23.22 6.18
CA GLY A 39 -7.29 -24.66 6.32
C GLY A 39 -6.07 -25.23 5.60
N GLU A 40 -5.37 -24.40 4.83
CA GLU A 40 -4.25 -24.87 4.01
C GLU A 40 -2.91 -24.15 4.33
N GLY A 41 -2.86 -23.48 5.46
CA GLY A 41 -1.61 -22.92 5.92
C GLY A 41 -1.50 -21.42 5.69
N THR A 42 -0.35 -20.89 6.02
CA THR A 42 -0.09 -19.47 5.98
C THR A 42 1.17 -19.21 5.15
N THR A 43 1.49 -17.93 4.97
CA THR A 43 2.65 -17.44 4.22
C THR A 43 2.56 -17.61 2.71
N TRP A 44 2.37 -18.85 2.23
CA TRP A 44 2.38 -19.13 0.80
C TRP A 44 1.26 -18.39 0.01
N PRO A 45 0.06 -18.21 0.60
CA PRO A 45 -0.91 -17.37 -0.14
C PRO A 45 -0.52 -15.92 -0.25
N TRP A 46 -0.02 -15.34 0.84
CA TRP A 46 0.40 -13.95 0.83
C TRP A 46 1.51 -13.72 -0.19
N GLN A 47 2.37 -14.73 -0.41
CA GLN A 47 3.49 -14.55 -1.31
C GLN A 47 3.03 -14.16 -2.70
N THR A 48 1.95 -14.77 -3.19
CA THR A 48 1.36 -14.36 -4.51
C THR A 48 0.32 -13.26 -4.43
N PHE A 49 -0.36 -13.14 -3.30
CA PHE A 49 -1.29 -12.01 -3.03
C PHE A 49 -0.57 -10.68 -3.29
N GLN A 50 0.59 -10.52 -2.68
CA GLN A 50 1.29 -9.27 -2.70
C GLN A 50 2.80 -9.32 -2.97
N ASN A 51 3.51 -10.29 -2.42
CA ASN A 51 4.97 -10.19 -2.44
C ASN A 51 5.58 -10.29 -3.83
N LEU A 52 5.02 -11.18 -4.65
CA LEU A 52 5.51 -11.32 -6.03
C LEU A 52 4.85 -10.38 -7.05
N ASN A 53 3.98 -9.50 -6.56
CA ASN A 53 3.37 -8.45 -7.38
C ASN A 53 3.74 -7.07 -6.83
N HIS A 54 2.87 -6.52 -6.00
CA HIS A 54 2.99 -5.14 -5.53
C HIS A 54 4.32 -4.85 -4.86
N ASP A 55 4.81 -5.77 -4.05
CA ASP A 55 6.03 -5.52 -3.26
C ASP A 55 7.24 -5.40 -4.18
N MSE A 56 7.21 -6.09 -5.31
CA MSE A 56 8.26 -5.97 -6.29
C MSE A 56 8.04 -4.73 -7.16
O MSE A 56 8.97 -3.93 -7.39
CB MSE A 56 8.34 -7.22 -7.16
CG MSE A 56 9.38 -7.05 -8.27
SE MSE A 56 9.70 -8.65 -9.29
CE MSE A 56 7.96 -9.05 -9.76
N PHE A 57 6.80 -4.53 -7.65
CA PHE A 57 6.54 -3.42 -8.54
C PHE A 57 6.71 -2.08 -7.86
N SER A 58 6.48 -2.05 -6.55
CA SER A 58 6.79 -0.86 -5.75
C SER A 58 8.26 -0.43 -5.72
N GLY A 59 9.15 -1.37 -6.04
CA GLY A 59 10.59 -1.18 -5.93
C GLY A 59 11.20 -1.58 -4.61
N TYR A 60 10.39 -2.02 -3.65
CA TYR A 60 10.89 -2.36 -2.32
C TYR A 60 11.68 -3.66 -2.29
N PHE A 61 11.12 -4.70 -2.89
CA PHE A 61 11.59 -6.08 -2.70
C PHE A 61 11.78 -6.84 -3.99
N HIS A 62 12.60 -7.89 -3.93
CA HIS A 62 12.77 -8.80 -5.07
C HIS A 62 13.18 -10.16 -4.55
N ASP A 63 12.73 -11.20 -5.23
CA ASP A 63 13.14 -12.56 -4.93
C ASP A 63 14.54 -12.79 -5.49
N PHE A 64 15.21 -13.87 -5.08
CA PHE A 64 16.51 -14.23 -5.65
C PHE A 64 16.40 -15.37 -6.66
N ALA A 65 15.24 -16.02 -6.71
CA ALA A 65 15.15 -17.28 -7.45
C ALA A 65 15.04 -17.00 -8.92
N SER A 66 16.10 -17.40 -9.66
CA SER A 66 16.10 -17.22 -11.13
C SER A 66 14.96 -17.97 -11.84
N LYS A 67 14.44 -19.02 -11.22
CA LYS A 67 13.24 -19.70 -11.76
C LYS A 67 12.03 -18.75 -11.93
N PHE A 68 11.98 -17.66 -11.15
CA PHE A 68 10.94 -16.64 -11.28
C PHE A 68 11.26 -15.50 -12.22
N SER A 69 12.48 -15.46 -12.75
CA SER A 69 12.99 -14.26 -13.43
C SER A 69 12.57 -14.20 -14.90
N ASP A 70 11.73 -15.14 -15.32
CA ASP A 70 11.13 -15.10 -16.65
C ASP A 70 9.62 -14.82 -16.55
N LYS A 71 9.21 -14.38 -15.36
CA LYS A 71 7.80 -14.08 -15.11
C LYS A 71 7.57 -12.60 -14.79
N ASN A 72 7.01 -12.27 -13.61
CA ASN A 72 6.53 -10.93 -13.33
C ASN A 72 7.63 -9.88 -13.45
N THR A 73 8.85 -10.22 -13.02
CA THR A 73 9.93 -9.26 -13.02
C THR A 73 10.20 -8.68 -14.40
N VAL A 74 10.02 -9.48 -15.45
CA VAL A 74 10.20 -9.03 -16.85
C VAL A 74 8.86 -8.77 -17.53
N TYR A 75 7.84 -8.50 -16.72
CA TYR A 75 6.50 -8.18 -17.22
C TYR A 75 5.86 -9.30 -18.04
N ALA A 76 6.32 -10.54 -17.88
CA ALA A 76 5.62 -11.71 -18.43
C ALA A 76 4.71 -12.20 -17.30
N LEU A 77 3.57 -11.56 -17.15
CA LEU A 77 2.82 -11.68 -15.92
C LEU A 77 2.28 -13.12 -15.78
N GLU A 78 2.50 -13.69 -14.60
CA GLU A 78 2.05 -15.02 -14.26
C GLU A 78 0.60 -14.97 -13.74
N ALA A 79 -0.30 -15.59 -14.50
CA ALA A 79 -1.76 -15.52 -14.31
C ALA A 79 -2.18 -15.95 -12.91
N GLY A 80 -1.55 -16.99 -12.40
CA GLY A 80 -1.85 -17.49 -11.04
C GLY A 80 -1.44 -16.51 -9.96
N TRP A 81 -0.34 -15.80 -10.20
CA TRP A 81 0.15 -14.83 -9.20
C TRP A 81 -0.66 -13.55 -9.23
N THR A 82 -0.90 -13.00 -10.43
CA THR A 82 -1.59 -11.74 -10.49
C THR A 82 -3.06 -11.80 -10.07
N ALA A 83 -3.67 -13.00 -10.12
CA ALA A 83 -5.07 -13.16 -9.73
C ALA A 83 -5.25 -13.27 -8.21
N SER A 84 -4.17 -13.46 -7.47
CA SER A 84 -4.27 -13.86 -6.08
C SER A 84 -4.95 -12.85 -5.15
N ALA A 85 -4.65 -11.57 -5.29
CA ALA A 85 -5.26 -10.56 -4.43
C ALA A 85 -6.79 -10.62 -4.59
N TRP A 86 -7.24 -10.67 -5.84
CA TRP A 86 -8.67 -10.84 -6.14
C TRP A 86 -9.23 -12.14 -5.51
N ASN A 87 -8.60 -13.26 -5.83
CA ASN A 87 -9.16 -14.58 -5.48
C ASN A 87 -9.29 -14.77 -3.96
N TYR A 88 -8.22 -14.47 -3.25
CA TYR A 88 -8.21 -14.67 -1.81
C TYR A 88 -9.15 -13.72 -1.09
N THR A 89 -9.23 -12.48 -1.56
CA THR A 89 -10.06 -11.50 -0.93
C THR A 89 -11.55 -11.85 -1.15
N TYR A 90 -11.93 -12.18 -2.37
CA TYR A 90 -13.33 -12.53 -2.65
C TYR A 90 -13.72 -13.91 -2.12
N ASN A 91 -12.77 -14.84 -2.07
CA ASN A 91 -13.10 -16.16 -1.53
C ASN A 91 -13.29 -16.14 -0.02
N TYR A 92 -12.45 -15.40 0.69
CA TYR A 92 -12.38 -15.54 2.15
C TYR A 92 -12.69 -14.32 3.02
N ILE A 93 -12.52 -13.12 2.49
CA ILE A 93 -12.46 -11.93 3.33
C ILE A 93 -13.66 -11.00 3.09
N PHE A 94 -13.86 -10.61 1.84
CA PHE A 94 -14.98 -9.72 1.52
C PHE A 94 -16.34 -10.30 1.91
N PRO A 95 -16.58 -11.58 1.69
CA PRO A 95 -17.91 -12.08 2.09
C PRO A 95 -18.15 -11.96 3.60
N VAL A 96 -17.07 -12.08 4.38
CA VAL A 96 -17.14 -11.88 5.82
C VAL A 96 -17.37 -10.42 6.20
N ALA A 97 -16.72 -9.47 5.50
CA ALA A 97 -16.96 -8.06 5.75
C ALA A 97 -18.39 -7.70 5.41
N HIS A 98 -18.90 -8.31 4.34
CA HIS A 98 -20.29 -8.08 3.96
C HIS A 98 -21.27 -8.66 5.00
N LYS A 99 -21.04 -9.91 5.43
CA LYS A 99 -21.85 -10.50 6.50
C LYS A 99 -21.81 -9.64 7.76
N SER A 100 -20.64 -9.12 8.10
CA SER A 100 -20.50 -8.31 9.31
C SER A 100 -21.31 -7.03 9.17
N THR A 101 -21.33 -6.46 7.97
CA THR A 101 -22.19 -5.30 7.67
C THR A 101 -23.67 -5.63 7.91
N LEU A 102 -24.11 -6.75 7.37
CA LEU A 102 -25.52 -7.13 7.44
C LEU A 102 -25.96 -7.35 8.88
N ILE A 103 -25.11 -7.96 9.70
CA ILE A 103 -25.54 -8.28 11.06
C ILE A 103 -25.35 -7.16 12.05
N THR A 104 -24.67 -6.08 11.68
CA THR A 104 -24.49 -4.96 12.61
C THR A 104 -25.24 -3.69 12.19
N GLN A 105 -25.52 -3.55 10.90
CA GLN A 105 -26.07 -2.28 10.37
C GLN A 105 -27.42 -1.87 11.00
N ASP A 106 -28.22 -2.84 11.43
CA ASP A 106 -29.52 -2.59 12.03
C ASP A 106 -29.52 -2.86 13.54
N GLU A 107 -28.34 -3.03 14.16
CA GLU A 107 -28.27 -3.38 15.59
C GLU A 107 -28.02 -2.16 16.47
N ALA A 108 -28.98 -1.87 17.34
CA ALA A 108 -28.94 -0.65 18.15
C ALA A 108 -27.71 -0.59 19.04
N LYS A 109 -27.30 -1.74 19.57
CA LYS A 109 -26.21 -1.79 20.54
C LYS A 109 -24.83 -1.99 19.88
N TYR A 110 -24.77 -2.10 18.55
CA TYR A 110 -23.51 -2.35 17.84
C TYR A 110 -23.18 -1.33 16.75
N LYS A 111 -23.53 -0.07 16.98
CA LYS A 111 -23.19 0.99 16.04
C LYS A 111 -21.69 1.12 15.86
N HIS A 112 -20.95 0.94 16.95
CA HIS A 112 -19.49 0.93 16.90
C HIS A 112 -18.91 -0.22 16.04
N PHE A 113 -19.47 -1.42 16.18
CA PHE A 113 -19.01 -2.56 15.36
C PHE A 113 -19.36 -2.37 13.89
N TYR A 114 -20.54 -1.78 13.65
CA TYR A 114 -20.96 -1.39 12.30
C TYR A 114 -19.97 -0.40 11.68
N GLY A 115 -19.67 0.67 12.40
CA GLY A 115 -18.65 1.62 11.94
C GLY A 115 -17.31 0.98 11.62
N ALA A 116 -16.80 0.17 12.55
CA ALA A 116 -15.54 -0.52 12.36
C ALA A 116 -15.55 -1.46 11.15
N THR A 117 -16.64 -2.19 10.97
CA THR A 117 -16.80 -3.07 9.82
C THR A 117 -16.62 -2.30 8.54
N LEU A 118 -17.31 -1.16 8.43
CA LEU A 118 -17.27 -0.35 7.21
C LEU A 118 -15.87 0.13 6.91
N ILE A 119 -15.18 0.63 7.94
CA ILE A 119 -13.80 1.11 7.78
C ILE A 119 -12.90 -0.04 7.30
N LEU A 120 -12.99 -1.19 7.95
CA LEU A 120 -12.18 -2.32 7.51
C LEU A 120 -12.51 -2.76 6.07
N LYS A 121 -13.78 -2.67 5.69
CA LYS A 121 -14.22 -3.09 4.36
C LYS A 121 -13.60 -2.18 3.29
N VAL A 122 -13.56 -0.89 3.58
CA VAL A 122 -12.93 0.08 2.68
C VAL A 122 -11.42 -0.10 2.66
N GLU A 123 -10.84 -0.30 3.85
CA GLU A 123 -9.40 -0.60 3.94
C GLU A 123 -9.01 -1.82 3.06
N ALA A 124 -9.78 -2.89 3.12
CA ALA A 124 -9.51 -4.08 2.31
C ALA A 124 -9.71 -3.83 0.84
N MSE A 125 -10.83 -3.22 0.47
CA MSE A 125 -11.23 -3.24 -0.92
C MSE A 125 -10.63 -2.11 -1.76
O MSE A 125 -10.55 -2.24 -2.97
CB MSE A 125 -12.76 -3.26 -1.04
CG MSE A 125 -13.39 -4.46 -0.35
SE MSE A 125 -12.61 -6.15 -0.83
CE MSE A 125 -13.32 -6.28 -2.62
N HIS A 126 -10.20 -1.02 -1.16
CA HIS A 126 -9.52 0.02 -1.96
C HIS A 126 -8.21 -0.57 -2.47
N ARG A 127 -7.59 -1.48 -1.70
CA ARG A 127 -6.39 -2.18 -2.15
C ARG A 127 -6.63 -3.06 -3.41
N ILE A 128 -7.84 -3.60 -3.53
CA ILE A 128 -8.22 -4.43 -4.68
C ILE A 128 -8.53 -3.58 -5.92
N THR A 129 -9.34 -2.53 -5.79
CA THR A 129 -9.58 -1.67 -6.94
C THR A 129 -8.29 -1.03 -7.38
N ASP A 130 -7.41 -0.69 -6.44
CA ASP A 130 -6.14 -0.06 -6.84
C ASP A 130 -5.20 -1.05 -7.60
N THR A 131 -5.46 -2.34 -7.45
CA THR A 131 -4.73 -3.38 -8.18
C THR A 131 -5.31 -3.59 -9.60
N TYR A 132 -6.63 -3.73 -9.72
CA TYR A 132 -7.27 -4.21 -10.95
C TYR A 132 -8.09 -3.16 -11.69
N GLY A 133 -8.56 -2.16 -10.98
CA GLY A 133 -9.52 -1.22 -11.52
C GLY A 133 -10.95 -1.52 -11.09
N PRO A 134 -11.80 -1.85 -12.06
CA PRO A 134 -13.16 -2.22 -11.69
C PRO A 134 -13.20 -3.41 -10.71
N ILE A 135 -14.15 -3.36 -9.79
CA ILE A 135 -14.33 -4.46 -8.85
C ILE A 135 -15.80 -4.68 -8.59
N VAL A 136 -16.12 -5.75 -7.87
CA VAL A 136 -17.45 -5.94 -7.32
C VAL A 136 -17.45 -5.36 -5.90
N TYR A 137 -18.29 -4.36 -5.65
CA TYR A 137 -18.34 -3.72 -4.33
C TYR A 137 -19.72 -3.24 -3.98
N SER A 138 -20.17 -2.13 -4.56
CA SER A 138 -21.46 -1.54 -4.12
C SER A 138 -22.62 -2.47 -4.41
N LYS A 139 -22.48 -3.35 -5.39
CA LYS A 139 -23.57 -4.25 -5.74
C LYS A 139 -23.41 -5.69 -5.21
N PHE A 140 -22.39 -5.92 -4.39
CA PHE A 140 -22.16 -7.25 -3.83
C PHE A 140 -23.39 -7.74 -3.05
N GLY A 141 -23.78 -8.99 -3.31
CA GLY A 141 -24.93 -9.62 -2.65
C GLY A 141 -26.29 -9.02 -2.96
N LYS A 142 -26.37 -8.17 -3.99
CA LYS A 142 -27.64 -7.54 -4.38
C LYS A 142 -28.27 -8.21 -5.61
N ASN A 143 -27.57 -9.18 -6.21
CA ASN A 143 -28.12 -9.94 -7.33
C ASN A 143 -28.62 -9.05 -8.50
N GLU A 144 -27.85 -8.02 -8.83
CA GLU A 144 -28.18 -7.16 -9.97
C GLU A 144 -27.62 -7.76 -11.22
N THR A 145 -28.18 -7.34 -12.35
CA THR A 145 -27.78 -7.84 -13.67
C THR A 145 -26.29 -7.67 -13.90
N ASN A 146 -25.78 -6.47 -13.64
CA ASN A 146 -24.34 -6.15 -13.75
C ASN A 146 -23.80 -5.90 -12.34
N SER A 147 -22.89 -6.78 -11.90
CA SER A 147 -22.35 -6.77 -10.55
C SER A 147 -21.18 -5.80 -10.35
N VAL A 148 -20.73 -5.18 -11.44
CA VAL A 148 -19.44 -4.48 -11.45
C VAL A 148 -19.58 -2.98 -11.16
N ASP A 149 -18.71 -2.48 -10.28
CA ASP A 149 -18.49 -1.04 -10.15
C ASP A 149 -17.30 -0.62 -11.02
N THR A 150 -17.43 0.47 -11.77
CA THR A 150 -16.23 1.15 -12.29
C THR A 150 -15.40 1.61 -11.09
N GLN A 151 -14.11 1.86 -11.29
CA GLN A 151 -13.29 2.35 -10.18
C GLN A 151 -13.86 3.63 -9.57
N GLU A 152 -14.36 4.54 -10.41
CA GLU A 152 -14.97 5.78 -9.93
C GLU A 152 -16.14 5.47 -8.98
N GLU A 153 -16.99 4.53 -9.38
CA GLU A 153 -18.13 4.14 -8.58
C GLU A 153 -17.68 3.49 -7.27
N ALA A 154 -16.63 2.66 -7.33
CA ALA A 154 -16.09 2.03 -6.11
C ALA A 154 -15.58 3.10 -5.15
N TYR A 155 -14.79 4.05 -5.66
CA TYR A 155 -14.30 5.18 -4.83
C TYR A 155 -15.44 5.97 -4.19
N LYS A 156 -16.46 6.29 -4.97
CA LYS A 156 -17.60 7.00 -4.42
C LYS A 156 -18.26 6.14 -3.33
N ALA A 157 -18.39 4.84 -3.56
CA ALA A 157 -18.97 3.98 -2.52
C ALA A 157 -18.07 3.96 -1.25
N PHE A 158 -16.75 3.98 -1.45
CA PHE A 158 -15.83 4.03 -0.29
C PHE A 158 -16.08 5.28 0.54
N PHE A 159 -16.18 6.43 -0.12
CA PHE A 159 -16.40 7.68 0.61
C PHE A 159 -17.73 7.67 1.32
N ASP A 160 -18.76 7.11 0.68
CA ASP A 160 -20.09 6.93 1.29
CA ASP A 160 -20.07 6.96 1.33
C ASP A 160 -20.01 6.01 2.54
N ASP A 161 -19.29 4.90 2.41
CA ASP A 161 -19.14 3.98 3.55
C ASP A 161 -18.37 4.61 4.70
N LEU A 162 -17.34 5.40 4.39
CA LEU A 162 -16.63 6.11 5.43
C LEU A 162 -17.54 7.15 6.10
N ASP A 163 -18.42 7.78 5.34
CA ASP A 163 -19.38 8.71 5.96
C ASP A 163 -20.30 7.97 6.92
N LYS A 164 -20.81 6.82 6.49
CA LYS A 164 -21.70 6.04 7.33
C LYS A 164 -20.96 5.58 8.59
N ALA A 165 -19.71 5.17 8.40
CA ALA A 165 -18.89 4.71 9.52
C ALA A 165 -18.67 5.79 10.57
N VAL A 166 -18.19 6.97 10.17
CA VAL A 166 -17.88 8.03 11.14
C VAL A 166 -19.17 8.54 11.82
N ASP A 167 -20.28 8.54 11.08
CA ASP A 167 -21.58 8.88 11.66
CA ASP A 167 -21.57 8.90 11.69
C ASP A 167 -21.97 7.88 12.75
N ALA A 168 -21.87 6.59 12.43
CA ALA A 168 -22.24 5.52 13.37
C ALA A 168 -21.40 5.58 14.67
N LEU A 169 -20.10 5.74 14.52
CA LEU A 169 -19.20 5.78 15.69
C LEU A 169 -19.40 7.03 16.52
N ASP A 170 -19.62 8.16 15.86
CA ASP A 170 -19.93 9.40 16.57
C ASP A 170 -21.28 9.30 17.30
N THR A 171 -22.30 8.76 16.64
CA THR A 171 -23.57 8.49 17.32
C THR A 171 -23.41 7.55 18.52
N TYR A 172 -22.64 6.48 18.34
CA TYR A 172 -22.38 5.53 19.42
C TYR A 172 -21.85 6.29 20.63
N LEU A 173 -20.91 7.20 20.41
CA LEU A 173 -20.32 7.95 21.51
C LEU A 173 -21.29 8.96 22.11
N LYS A 174 -22.01 9.70 21.27
CA LYS A 174 -22.98 10.69 21.77
C LYS A 174 -24.13 10.05 22.54
N GLU A 175 -24.45 8.78 22.25
CA GLU A 175 -25.47 8.04 22.99
C GLU A 175 -24.93 7.46 24.32
N GLY A 176 -23.66 7.72 24.65
CA GLY A 176 -23.08 7.23 25.90
C GLY A 176 -22.33 5.90 25.79
N GLY A 177 -22.02 5.44 24.58
CA GLY A 177 -21.25 4.23 24.42
C GLY A 177 -19.83 4.45 24.95
N LYS A 178 -19.32 3.46 25.66
CA LYS A 178 -17.98 3.52 26.24
C LYS A 178 -16.93 3.52 25.12
N GLU A 179 -15.94 4.41 25.22
CA GLU A 179 -14.85 4.48 24.24
C GLU A 179 -14.25 3.10 23.98
N ASP A 180 -14.09 2.30 25.04
CA ASP A 180 -13.44 1.00 24.92
C ASP A 180 -14.39 -0.14 24.58
N GLY A 181 -15.60 0.17 24.10
CA GLY A 181 -16.51 -0.88 23.64
C GLY A 181 -16.01 -1.66 22.44
N VAL A 182 -14.99 -1.12 21.77
CA VAL A 182 -14.30 -1.79 20.64
C VAL A 182 -13.11 -2.68 21.04
N LYS A 183 -12.87 -2.81 22.34
CA LYS A 183 -11.74 -3.56 22.87
C LYS A 183 -11.66 -4.97 22.28
N SER A 184 -12.80 -5.69 22.21
CA SER A 184 -12.81 -7.09 21.79
C SER A 184 -12.47 -7.33 20.31
N ILE A 185 -12.52 -6.28 19.51
CA ILE A 185 -12.28 -6.38 18.06
C ILE A 185 -11.00 -5.66 17.63
N ASN A 186 -10.22 -5.16 18.58
CA ASN A 186 -9.02 -4.41 18.23
C ASN A 186 -7.85 -5.30 17.81
N MSE A 187 -7.71 -5.56 16.52
CA MSE A 187 -6.46 -6.09 15.99
C MSE A 187 -5.73 -5.11 15.08
O MSE A 187 -4.82 -5.52 14.39
CB MSE A 187 -6.70 -7.38 15.19
CG MSE A 187 -7.12 -8.53 16.01
SE MSE A 187 -7.44 -10.06 14.83
CE MSE A 187 -5.79 -10.15 13.84
N CYS A 188 -6.10 -3.84 15.08
CA CYS A 188 -5.49 -2.86 14.16
C CYS A 188 -4.97 -1.61 14.86
N ASN A 189 -4.78 -1.69 16.18
CA ASN A 189 -4.28 -0.56 16.99
C ASN A 189 -5.29 0.59 17.05
N CYS A 190 -6.59 0.22 17.18
CA CYS A 190 -7.68 1.15 17.44
C CYS A 190 -8.42 0.72 18.72
N PRO A 191 -7.96 1.22 19.86
CA PRO A 191 -8.51 0.70 21.11
C PRO A 191 -9.77 1.41 21.56
N THR A 192 -10.16 2.46 20.86
CA THR A 192 -11.33 3.23 21.20
C THR A 192 -12.13 3.58 19.96
N ALA A 193 -13.39 3.90 20.19
CA ALA A 193 -14.27 4.39 19.10
C ALA A 193 -13.68 5.63 18.41
N SER A 194 -13.18 6.59 19.18
CA SER A 194 -12.51 7.75 18.59
C SER A 194 -11.35 7.38 17.68
N ARG A 195 -10.57 6.37 18.06
CA ARG A 195 -9.45 5.94 17.23
C ARG A 195 -9.86 5.32 15.91
N TRP A 196 -11.00 4.63 15.90
CA TRP A 196 -11.58 4.14 14.65
C TRP A 196 -11.98 5.29 13.73
N ILE A 197 -12.55 6.35 14.29
CA ILE A 197 -12.91 7.50 13.48
C ILE A 197 -11.67 8.19 12.92
N LYS A 198 -10.62 8.30 13.74
CA LYS A 198 -9.32 8.84 13.26
C LYS A 198 -8.71 8.00 12.12
N PHE A 199 -8.80 6.69 12.25
CA PHE A 199 -8.48 5.75 11.16
C PHE A 199 -9.30 6.10 9.90
N ALA A 200 -10.62 6.18 10.03
CA ALA A 200 -11.49 6.54 8.90
C ALA A 200 -11.11 7.88 8.26
N ASN A 201 -10.82 8.87 9.09
CA ASN A 201 -10.45 10.21 8.59
C ASN A 201 -9.15 10.15 7.79
N SER A 202 -8.17 9.41 8.30
CA SER A 202 -6.87 9.29 7.65
C SER A 202 -6.99 8.51 6.35
N LEU A 203 -7.74 7.42 6.38
CA LEU A 203 -8.01 6.64 5.17
C LEU A 203 -8.74 7.51 4.12
N ARG A 204 -9.72 8.30 4.56
CA ARG A 204 -10.42 9.19 3.63
C ARG A 204 -9.45 10.15 2.97
N LEU A 205 -8.51 10.69 3.75
CA LEU A 205 -7.52 11.60 3.17
C LEU A 205 -6.67 10.90 2.12
N ARG A 206 -6.26 9.67 2.41
CA ARG A 206 -5.51 8.89 1.44
C ARG A 206 -6.28 8.77 0.13
N LEU A 207 -7.55 8.38 0.23
CA LEU A 207 -8.38 8.18 -0.95
C LEU A 207 -8.62 9.48 -1.72
N ALA A 208 -8.76 10.57 -0.96
CA ALA A 208 -8.90 11.92 -1.50
C ALA A 208 -7.70 12.32 -2.33
N MSE A 209 -6.48 12.08 -1.82
CA MSE A 209 -5.30 12.39 -2.60
C MSE A 209 -5.18 11.47 -3.81
O MSE A 209 -4.81 11.92 -4.89
CB MSE A 209 -4.04 12.40 -1.77
CG MSE A 209 -3.97 13.49 -0.75
SE MSE A 209 -4.24 15.29 -1.40
CE MSE A 209 -6.10 15.47 -0.98
N ARG A 210 -5.56 10.21 -3.65
CA ARG A 210 -5.55 9.29 -4.79
C ARG A 210 -6.33 9.85 -5.99
N VAL A 211 -7.49 10.45 -5.74
CA VAL A 211 -8.35 10.90 -6.84
C VAL A 211 -8.06 12.35 -7.25
N SER A 212 -7.02 12.97 -6.68
CA SER A 212 -6.77 14.41 -6.89
C SER A 212 -6.42 14.83 -8.32
N ASN A 213 -5.81 13.93 -9.10
CA ASN A 213 -5.47 14.24 -10.49
C ASN A 213 -6.66 14.05 -11.41
N VAL A 214 -7.46 13.02 -11.16
CA VAL A 214 -8.66 12.75 -12.00
C VAL A 214 -9.88 13.58 -11.65
N ASP A 215 -10.06 13.89 -10.37
CA ASP A 215 -11.28 14.56 -9.90
C ASP A 215 -10.98 15.50 -8.74
N LYS A 216 -10.51 16.70 -9.09
CA LYS A 216 -10.09 17.66 -8.08
C LYS A 216 -11.24 18.07 -7.18
N THR A 217 -12.44 18.16 -7.74
CA THR A 217 -13.61 18.55 -6.96
C THR A 217 -13.91 17.55 -5.85
N LEU A 218 -13.88 16.26 -6.16
CA LEU A 218 -14.07 15.18 -5.17
C LEU A 218 -12.93 15.16 -4.16
N ALA A 219 -11.69 15.23 -4.65
CA ALA A 219 -10.53 15.27 -3.75
C ALA A 219 -10.67 16.41 -2.75
N THR A 220 -11.13 17.57 -3.23
CA THR A 220 -11.22 18.76 -2.39
C THR A 220 -12.27 18.55 -1.30
N SER A 221 -13.45 18.05 -1.69
CA SER A 221 -14.53 17.85 -0.73
CA SER A 221 -14.55 17.82 -0.77
C SER A 221 -14.18 16.78 0.29
N GLU A 222 -13.56 15.70 -0.15
CA GLU A 222 -13.21 14.60 0.76
C GLU A 222 -12.02 14.95 1.66
N ALA A 223 -11.01 15.65 1.11
CA ALA A 223 -9.92 16.14 1.98
C ALA A 223 -10.45 17.10 3.02
N GLN A 224 -11.44 17.91 2.66
CA GLN A 224 -11.98 18.85 3.63
C GLN A 224 -12.67 18.14 4.77
N LYS A 225 -13.47 17.12 4.45
CA LYS A 225 -14.09 16.27 5.44
C LYS A 225 -13.09 15.55 6.34
N ALA A 226 -12.05 14.97 5.72
CA ALA A 226 -11.00 14.26 6.44
C ALA A 226 -10.30 15.13 7.47
N LEU A 227 -9.94 16.34 7.07
CA LEU A 227 -9.11 17.21 7.90
C LEU A 227 -9.91 18.18 8.79
N GLU A 228 -11.23 18.27 8.63
CA GLU A 228 -12.05 19.06 9.54
C GLU A 228 -12.82 18.21 10.55
N ASN A 229 -12.89 16.91 10.33
CA ASN A 229 -13.61 16.07 11.28
C ASN A 229 -12.96 16.24 12.65
N SER A 230 -13.78 16.46 13.67
CA SER A 230 -13.27 16.82 15.00
C SER A 230 -12.47 15.70 15.68
N TYR A 231 -12.61 14.44 15.23
CA TYR A 231 -11.86 13.34 15.85
C TYR A 231 -10.38 13.28 15.42
N GLY A 232 -10.01 14.02 14.38
CA GLY A 232 -8.62 14.16 13.99
C GLY A 232 -8.15 13.10 13.02
N VAL A 233 -6.87 13.19 12.64
CA VAL A 233 -6.22 12.19 11.81
C VAL A 233 -4.99 11.72 12.58
N ILE A 234 -4.39 10.63 12.12
CA ILE A 234 -3.26 10.04 12.80
C ILE A 234 -2.03 10.94 12.65
N GLU A 235 -1.44 11.32 13.78
CA GLU A 235 -0.28 12.24 13.82
C GLU A 235 0.94 11.66 14.52
N SER A 236 0.72 10.67 15.38
CA SER A 236 1.79 10.02 16.14
CA SER A 236 1.79 10.01 16.15
C SER A 236 1.95 8.58 15.71
N SER A 237 3.21 8.11 15.60
CA SER A 237 3.48 6.72 15.18
C SER A 237 2.92 5.69 16.14
N ASP A 238 2.73 6.09 17.40
CA ASP A 238 2.14 5.18 18.39
CA ASP A 238 2.13 5.21 18.42
C ASP A 238 0.71 4.80 18.02
N GLU A 239 0.09 5.56 17.12
CA GLU A 239 -1.29 5.31 16.67
C GLU A 239 -1.37 4.72 15.25
N ASN A 240 -0.25 4.25 14.73
CA ASN A 240 -0.23 3.71 13.36
C ASN A 240 -1.22 2.53 13.28
N ILE A 241 -1.95 2.43 12.19
CA ILE A 241 -2.82 1.28 11.94
C ILE A 241 -1.90 0.15 11.50
N GLN A 242 -1.95 -0.95 12.25
CA GLN A 242 -1.09 -2.10 12.01
C GLN A 242 -1.74 -3.32 12.63
N ILE A 243 -1.61 -4.43 11.94
CA ILE A 243 -2.33 -5.66 12.31
C ILE A 243 -1.53 -6.56 13.22
N SER A 244 -2.16 -6.98 14.31
CA SER A 244 -1.57 -7.94 15.24
C SER A 244 -2.59 -8.52 16.18
N GLY A 245 -2.25 -9.68 16.72
CA GLY A 245 -3.03 -10.34 17.76
C GLY A 245 -3.77 -11.55 17.23
N LYS A 246 -4.39 -12.28 18.16
CA LYS A 246 -5.16 -13.50 17.85
C LYS A 246 -4.39 -14.55 17.04
N GLY A 247 -3.09 -14.65 17.28
CA GLY A 247 -2.24 -15.61 16.56
C GLY A 247 -1.78 -15.19 15.16
N TYR A 248 -2.17 -14.01 14.69
CA TYR A 248 -1.69 -13.50 13.39
C TYR A 248 -0.17 -13.51 13.33
N GLN A 249 0.38 -13.91 12.21
CA GLN A 249 1.83 -13.86 12.00
C GLN A 249 2.06 -12.97 10.80
N ASN A 250 3.11 -12.15 10.84
CA ASN A 250 3.42 -11.28 9.74
C ASN A 250 3.97 -12.10 8.57
N PRO A 251 3.27 -12.12 7.44
CA PRO A 251 3.70 -13.02 6.36
C PRO A 251 5.00 -12.60 5.68
N LEU A 252 5.35 -11.32 5.76
CA LEU A 252 6.62 -10.85 5.20
C LEU A 252 7.77 -11.57 5.89
N ALA A 253 7.65 -11.74 7.20
CA ALA A 253 8.66 -12.43 7.98
C ALA A 253 8.71 -13.88 7.59
N GLY A 254 7.56 -14.46 7.22
CA GLY A 254 7.50 -15.83 6.75
C GLY A 254 8.25 -16.03 5.45
N VAL A 255 8.00 -15.15 4.47
CA VAL A 255 8.73 -15.20 3.18
C VAL A 255 10.22 -14.88 3.37
N ALA A 256 10.54 -13.99 4.31
CA ALA A 256 11.94 -13.72 4.66
C ALA A 256 12.60 -14.98 5.21
N GLY A 257 11.84 -15.77 5.98
CA GLY A 257 12.33 -17.02 6.52
C GLY A 257 12.64 -18.04 5.44
N TRP A 258 11.98 -17.95 4.29
CA TRP A 258 12.33 -18.78 3.14
C TRP A 258 13.52 -18.26 2.33
N GLY A 259 14.06 -17.12 2.71
CA GLY A 259 15.17 -16.52 2.01
C GLY A 259 14.81 -15.76 0.75
N GLU A 260 13.61 -15.20 0.66
CA GLU A 260 13.09 -14.66 -0.61
C GLU A 260 12.76 -13.17 -0.64
N THR A 261 13.19 -12.40 0.36
CA THR A 261 12.89 -10.97 0.43
C THR A 261 14.16 -10.11 0.41
N TYR A 262 14.63 -9.79 -0.80
CA TYR A 262 15.81 -8.97 -0.99
C TYR A 262 15.42 -7.52 -1.24
N MSE A 263 16.35 -6.64 -0.95
CA MSE A 263 16.27 -5.22 -1.25
C MSE A 263 16.16 -4.95 -2.75
O MSE A 263 16.85 -5.57 -3.54
CB MSE A 263 17.56 -4.57 -0.73
CG MSE A 263 17.50 -3.07 -0.66
SE MSE A 263 19.20 -2.40 -0.01
CE MSE A 263 18.59 -0.71 0.72
N GLY A 264 15.28 -4.02 -3.15
CA GLY A 264 15.20 -3.64 -4.56
C GLY A 264 16.20 -2.56 -4.94
N ALA A 265 16.63 -2.54 -6.20
CA ALA A 265 17.59 -1.53 -6.69
C ALA A 265 17.20 -0.06 -6.44
N THR A 266 15.93 0.29 -6.57
CA THR A 266 15.53 1.67 -6.39
C THR A 266 15.65 2.11 -4.95
N ILE A 267 15.22 1.29 -4.00
CA ILE A 267 15.33 1.64 -2.60
C ILE A 267 16.80 1.65 -2.16
N ALA A 268 17.67 0.82 -2.75
CA ALA A 268 19.12 0.92 -2.49
C ALA A 268 19.69 2.24 -3.02
N SER A 269 19.28 2.64 -4.22
CA SER A 269 19.70 3.93 -4.79
C SER A 269 19.33 5.11 -3.88
N VAL A 270 18.06 5.14 -3.45
CA VAL A 270 17.54 6.20 -2.63
C VAL A 270 18.18 6.23 -1.24
N LEU A 271 18.14 5.11 -0.53
CA LEU A 271 18.59 5.12 0.84
C LEU A 271 20.12 5.29 0.94
N ASN A 272 20.87 4.73 0.00
CA ASN A 272 22.33 4.96 0.00
C ASN A 272 22.64 6.43 -0.32
N GLY A 273 22.05 6.97 -1.36
CA GLY A 273 22.38 8.34 -1.76
C GLY A 273 21.97 9.40 -0.74
N TYR A 274 20.84 9.17 -0.08
CA TYR A 274 20.37 10.06 0.98
C TYR A 274 21.09 9.84 2.32
N GLU A 275 21.98 8.83 2.38
CA GLU A 275 22.66 8.43 3.62
C GLU A 275 21.63 8.29 4.72
N ASP A 276 20.57 7.55 4.39
CA ASP A 276 19.37 7.53 5.19
C ASP A 276 19.58 6.60 6.38
N PRO A 277 19.34 7.11 7.60
CA PRO A 277 19.56 6.24 8.77
C PRO A 277 18.57 5.09 8.88
N ARG A 278 17.51 5.08 8.07
CA ARG A 278 16.61 3.94 8.07
C ARG A 278 17.19 2.74 7.28
N ILE A 279 18.26 2.97 6.51
CA ILE A 279 18.78 1.92 5.62
C ILE A 279 19.09 0.61 6.38
N SER A 280 19.75 0.71 7.54
CA SER A 280 20.20 -0.49 8.27
C SER A 280 19.07 -1.05 9.15
N ILE A 281 18.01 -0.26 9.31
CA ILE A 281 16.79 -0.70 10.00
C ILE A 281 15.93 -1.55 9.07
N TYR A 282 15.80 -1.10 7.84
CA TYR A 282 15.05 -1.83 6.83
C TYR A 282 15.77 -3.08 6.29
N TYR A 283 17.06 -2.95 6.00
CA TYR A 283 17.83 -3.99 5.31
C TYR A 283 19.17 -4.24 6.00
N ASN A 284 19.84 -5.29 5.56
CA ASN A 284 21.20 -5.64 6.00
C ASN A 284 22.16 -5.42 4.85
N PRO A 285 23.45 -5.17 5.15
CA PRO A 285 24.42 -5.09 4.08
C PRO A 285 24.50 -6.39 3.28
N ALA A 286 24.90 -6.27 2.02
CA ALA A 286 25.10 -7.41 1.16
C ALA A 286 26.14 -8.39 1.74
N THR A 287 26.01 -9.66 1.37
CA THR A 287 27.02 -10.67 1.72
C THR A 287 27.98 -10.98 0.54
N LEU A 288 27.80 -10.29 -0.58
CA LEU A 288 28.67 -10.48 -1.76
C LEU A 288 30.10 -10.10 -1.41
N ALA A 289 31.05 -10.98 -1.73
CA ALA A 289 32.45 -10.74 -1.44
C ALA A 289 32.91 -9.43 -2.05
N GLU A 290 33.69 -8.69 -1.26
CA GLU A 290 34.22 -7.37 -1.63
CA GLU A 290 34.23 -7.37 -1.55
C GLU A 290 33.17 -6.25 -1.51
N HIS A 291 31.96 -6.59 -1.05
CA HIS A 291 30.87 -5.61 -0.96
C HIS A 291 30.09 -5.75 0.35
N THR A 292 30.74 -6.27 1.37
CA THR A 292 30.03 -6.75 2.54
C THR A 292 29.66 -5.63 3.49
N GLU A 293 30.06 -4.41 3.20
CA GLU A 293 29.59 -3.26 3.95
C GLU A 293 28.65 -2.37 3.11
N GLU A 294 28.30 -2.80 1.91
CA GLU A 294 27.43 -2.03 1.02
C GLU A 294 26.01 -2.56 1.03
N TYR A 295 25.08 -1.69 0.70
CA TYR A 295 23.69 -2.09 0.50
C TYR A 295 23.45 -2.19 -0.98
N LEU A 296 23.15 -3.39 -1.44
CA LEU A 296 22.96 -3.65 -2.88
C LEU A 296 21.55 -4.14 -3.11
N GLY A 297 20.82 -3.46 -4.00
CA GLY A 297 19.47 -3.80 -4.37
C GLY A 297 19.36 -4.53 -5.71
N VAL A 298 18.40 -5.45 -5.79
CA VAL A 298 18.18 -6.23 -6.97
C VAL A 298 17.46 -5.42 -8.05
N PRO A 299 18.04 -5.34 -9.26
CA PRO A 299 17.33 -4.62 -10.33
C PRO A 299 16.18 -5.46 -10.89
N GLN A 300 15.02 -4.83 -11.10
CA GLN A 300 13.89 -5.56 -11.68
C GLN A 300 14.11 -5.80 -13.18
N GLY A 301 13.64 -6.94 -13.65
CA GLY A 301 13.59 -7.23 -15.09
C GLY A 301 14.86 -7.74 -15.70
N VAL A 302 15.68 -8.42 -14.89
CA VAL A 302 16.85 -9.12 -15.41
C VAL A 302 16.43 -10.57 -15.71
N TYR A 303 16.39 -10.91 -16.99
CA TYR A 303 15.84 -12.17 -17.44
C TYR A 303 16.77 -13.31 -17.01
N ALA A 304 16.16 -14.36 -16.46
CA ALA A 304 16.83 -15.63 -16.21
C ALA A 304 15.70 -16.65 -16.09
N LYS A 305 16.04 -17.93 -16.01
CA LYS A 305 15.02 -18.95 -15.92
C LYS A 305 15.55 -20.10 -15.08
N ASP A 306 14.67 -21.05 -14.80
CA ASP A 306 14.99 -22.18 -13.95
C ASP A 306 16.17 -22.94 -14.52
N GLY A 307 17.14 -23.19 -13.67
CA GLY A 307 18.40 -23.82 -14.07
C GLY A 307 19.55 -22.83 -14.08
N ASP A 308 19.25 -21.55 -14.21
CA ASP A 308 20.29 -20.52 -14.18
C ASP A 308 20.77 -20.28 -12.75
N PRO A 309 22.03 -19.84 -12.57
CA PRO A 309 22.41 -19.42 -11.21
C PRO A 309 21.49 -18.33 -10.66
N ASN A 310 21.39 -18.26 -9.34
CA ASN A 310 20.61 -17.24 -8.67
C ASN A 310 21.52 -16.05 -8.44
N TYR A 311 21.62 -15.21 -9.46
CA TYR A 311 22.68 -14.21 -9.53
C TYR A 311 22.70 -13.23 -8.36
N TYR A 312 21.54 -12.93 -7.80
CA TYR A 312 21.40 -11.86 -6.82
C TYR A 312 21.30 -12.34 -5.38
N GLN A 313 21.62 -13.62 -5.16
CA GLN A 313 21.47 -14.25 -3.86
C GLN A 313 22.35 -13.66 -2.74
N SER A 314 23.41 -12.95 -3.09
CA SER A 314 24.25 -12.27 -2.10
C SER A 314 24.05 -10.76 -1.99
N TYR A 315 23.00 -10.26 -2.62
CA TYR A 315 22.57 -8.86 -2.44
C TYR A 315 21.94 -8.64 -1.06
N SER A 316 21.60 -7.39 -0.75
CA SER A 316 21.09 -7.05 0.57
C SER A 316 19.73 -7.71 0.84
N PHE A 317 19.59 -8.25 2.05
CA PHE A 317 18.39 -8.92 2.48
C PHE A 317 17.67 -8.02 3.46
N ILE A 318 16.37 -8.25 3.63
CA ILE A 318 15.61 -7.59 4.66
C ILE A 318 16.23 -7.81 6.02
N ASN A 319 16.10 -6.83 6.89
CA ASN A 319 16.49 -6.95 8.29
C ASN A 319 15.45 -7.75 9.09
N THR A 320 15.82 -8.96 9.47
CA THR A 320 14.89 -9.89 10.12
C THR A 320 14.86 -9.74 11.64
N GLN A 321 15.60 -8.77 12.19
CA GLN A 321 15.38 -8.32 13.57
CA GLN A 321 15.37 -8.34 13.57
C GLN A 321 14.27 -7.29 13.57
N THR A 322 14.22 -6.48 12.52
CA THR A 322 13.17 -5.47 12.36
C THR A 322 11.82 -6.08 12.00
N ILE A 323 11.83 -6.99 11.03
CA ILE A 323 10.59 -7.64 10.58
C ILE A 323 10.62 -9.12 11.07
N THR A 324 9.76 -9.42 12.04
CA THR A 324 9.62 -10.77 12.62
C THR A 324 8.18 -11.23 12.51
N ALA A 325 7.93 -12.49 12.81
CA ALA A 325 6.57 -13.03 12.78
C ALA A 325 5.63 -12.25 13.70
N SER A 326 6.15 -11.77 14.84
CA SER A 326 5.30 -11.05 15.81
C SER A 326 5.24 -9.54 15.54
N THR A 327 5.89 -9.07 14.48
CA THR A 327 5.85 -7.64 14.13
C THR A 327 4.46 -7.26 13.58
N PRO A 328 3.78 -6.25 14.20
CA PRO A 328 2.50 -5.86 13.58
C PRO A 328 2.70 -5.44 12.11
N ALA A 329 1.74 -5.79 11.25
CA ALA A 329 1.80 -5.46 9.84
C ALA A 329 1.24 -4.07 9.59
N VAL A 330 2.13 -3.13 9.27
CA VAL A 330 1.74 -1.74 9.08
C VAL A 330 0.83 -1.57 7.86
N LEU A 331 -0.26 -0.83 8.03
CA LEU A 331 -1.26 -0.54 6.97
C LEU A 331 -1.38 0.96 6.66
N LEU A 332 -1.33 1.79 7.70
CA LEU A 332 -1.51 3.24 7.54
C LEU A 332 -0.80 3.99 8.69
N THR A 333 0.17 4.82 8.35
CA THR A 333 1.04 5.43 9.34
C THR A 333 0.72 6.91 9.50
N ALA A 334 1.08 7.43 10.66
CA ALA A 334 1.14 8.84 10.92
C ALA A 334 2.03 9.57 9.90
N ALA A 335 3.19 8.99 9.58
CA ALA A 335 4.11 9.63 8.62
C ALA A 335 3.39 9.81 7.27
N GLU A 336 2.79 8.75 6.76
CA GLU A 336 2.01 8.84 5.50
C GLU A 336 0.95 9.94 5.62
N THR A 337 0.27 10.00 6.75
CA THR A 337 -0.79 10.99 6.92
C THR A 337 -0.24 12.43 6.82
N TRP A 338 0.93 12.67 7.40
CA TRP A 338 1.59 13.98 7.25
C TRP A 338 1.96 14.28 5.78
N PHE A 339 2.42 13.29 5.04
CA PHE A 339 2.76 13.49 3.62
C PHE A 339 1.50 13.73 2.78
N LEU A 340 0.38 13.11 3.16
CA LEU A 340 -0.89 13.39 2.51
C LEU A 340 -1.31 14.83 2.76
N ARG A 341 -1.15 15.29 4.00
CA ARG A 341 -1.42 16.68 4.32
C ARG A 341 -0.47 17.63 3.57
N ALA A 342 0.79 17.23 3.40
CA ALA A 342 1.73 18.03 2.63
C ALA A 342 1.25 18.20 1.18
N GLU A 343 0.78 17.11 0.59
CA GLU A 343 0.31 17.18 -0.77
C GLU A 343 -0.97 18.02 -0.85
N ALA A 344 -1.86 17.85 0.11
CA ALA A 344 -3.12 18.62 0.12
C ALA A 344 -2.78 20.11 0.15
N SER A 345 -1.80 20.49 0.96
CA SER A 345 -1.37 21.90 1.03
C SER A 345 -0.76 22.35 -0.28
N LEU A 346 0.08 21.50 -0.87
CA LEU A 346 0.68 21.82 -2.16
C LEU A 346 -0.37 22.06 -3.24
N ARG A 347 -1.46 21.28 -3.19
CA ARG A 347 -2.57 21.42 -4.15
C ARG A 347 -3.59 22.50 -3.78
N GLY A 348 -3.40 23.16 -2.65
CA GLY A 348 -4.33 24.20 -2.19
C GLY A 348 -5.66 23.67 -1.67
N ILE A 349 -5.70 22.42 -1.24
CA ILE A 349 -6.94 21.81 -0.80
C ILE A 349 -6.86 21.26 0.61
N ASN A 350 -5.93 21.80 1.41
CA ASN A 350 -5.85 21.49 2.82
C ASN A 350 -6.61 22.58 3.58
N PRO A 351 -7.68 22.23 4.30
CA PRO A 351 -8.41 23.29 5.04
C PRO A 351 -7.68 23.80 6.26
N LYS A 352 -6.60 23.13 6.70
CA LYS A 352 -5.86 23.58 7.87
C LYS A 352 -4.85 24.64 7.48
N ASN A 353 -4.46 25.45 8.43
CA ASN A 353 -3.48 26.49 8.22
C ASN A 353 -2.06 25.93 8.38
N GLU A 354 -1.62 25.15 7.40
CA GLU A 354 -0.32 24.49 7.44
C GLU A 354 0.25 24.37 6.03
N SER A 355 1.56 24.53 5.92
CA SER A 355 2.22 24.55 4.63
C SER A 355 2.68 23.17 4.24
N ALA A 356 2.91 23.02 2.95
CA ALA A 356 3.50 21.81 2.43
C ALA A 356 4.83 21.51 3.14
N LYS A 357 5.67 22.53 3.37
CA LYS A 357 6.99 22.26 4.01
CA LYS A 357 6.98 22.32 4.03
C LYS A 357 6.81 21.73 5.41
N GLN A 358 5.95 22.36 6.20
CA GLN A 358 5.73 21.98 7.57
C GLN A 358 5.27 20.54 7.65
N CYS A 359 4.32 20.18 6.79
CA CYS A 359 3.80 18.81 6.78
C CYS A 359 4.84 17.78 6.29
N TYR A 360 5.59 18.15 5.26
CA TYR A 360 6.66 17.31 4.75
C TYR A 360 7.68 17.02 5.82
N GLU A 361 8.15 18.06 6.49
CA GLU A 361 9.15 17.87 7.55
C GLU A 361 8.58 17.05 8.74
N ALA A 362 7.31 17.26 9.06
CA ALA A 362 6.67 16.47 10.11
C ALA A 362 6.58 15.01 9.70
N GLY A 363 6.32 14.75 8.43
CA GLY A 363 6.25 13.38 7.94
C GLY A 363 7.58 12.63 8.07
N VAL A 364 8.66 13.28 7.68
CA VAL A 364 9.98 12.65 7.75
C VAL A 364 10.35 12.40 9.22
N GLN A 365 10.15 13.40 10.08
CA GLN A 365 10.49 13.26 11.47
C GLN A 365 9.67 12.12 12.08
N THR A 366 8.40 12.05 11.70
CA THR A 366 7.49 11.05 12.24
C THR A 366 7.94 9.64 11.82
N SER A 367 8.35 9.48 10.56
CA SER A 367 8.86 8.22 10.07
C SER A 367 10.14 7.80 10.80
N PHE A 368 11.07 8.73 10.97
CA PHE A 368 12.28 8.44 11.74
C PHE A 368 11.92 7.92 13.14
N SER A 369 10.99 8.60 13.82
CA SER A 369 10.57 8.20 15.14
CA SER A 369 10.57 8.20 15.15
C SER A 369 9.90 6.82 15.18
N GLN A 370 9.07 6.51 14.18
CA GLN A 370 8.43 5.19 14.07
C GLN A 370 9.48 4.07 14.16
N TRP A 371 10.59 4.26 13.47
CA TRP A 371 11.61 3.23 13.27
C TRP A 371 12.76 3.32 14.26
N GLY A 372 12.78 4.35 15.08
CA GLY A 372 13.89 4.56 16.05
C GLY A 372 15.15 5.10 15.39
N ALA A 373 14.98 5.86 14.31
CA ALA A 373 16.11 6.35 13.52
C ALA A 373 16.65 7.69 14.03
N GLY A 374 16.04 8.21 15.09
CA GLY A 374 16.51 9.45 15.71
C GLY A 374 15.82 10.68 15.14
N ASP A 375 16.52 11.79 15.22
CA ASP A 375 16.00 13.10 14.80
C ASP A 375 16.33 13.34 13.32
N ALA A 376 15.39 13.95 12.60
CA ALA A 376 15.54 14.14 11.13
C ALA A 376 16.02 15.54 10.72
N SER A 377 16.33 16.40 11.68
CA SER A 377 16.65 17.78 11.36
C SER A 377 17.83 17.92 10.38
N LEU A 378 18.91 17.19 10.63
CA LEU A 378 20.12 17.28 9.79
C LEU A 378 19.81 16.67 8.41
N TYR A 379 19.11 15.54 8.40
CA TYR A 379 18.72 14.90 7.14
C TYR A 379 17.89 15.82 6.27
N LEU A 380 16.98 16.58 6.90
CA LEU A 380 16.10 17.51 6.20
C LEU A 380 16.82 18.72 5.60
N THR A 381 18.09 18.93 5.95
CA THR A 381 18.93 19.95 5.33
C THR A 381 19.88 19.37 4.29
N SER A 382 19.87 18.07 4.09
CA SER A 382 20.97 17.44 3.36
C SER A 382 20.80 17.53 1.84
N LYS A 383 21.92 17.37 1.15
CA LYS A 383 21.97 17.54 -0.30
C LYS A 383 22.32 16.20 -1.00
N GLY A 384 22.11 15.09 -0.32
CA GLY A 384 22.39 13.77 -0.91
C GLY A 384 21.50 13.49 -2.12
N LYS A 385 22.08 12.80 -3.11
CA LYS A 385 21.38 12.39 -4.30
C LYS A 385 21.44 10.87 -4.43
N PRO A 386 20.32 10.25 -4.82
CA PRO A 386 20.34 8.80 -5.00
C PRO A 386 21.49 8.31 -5.91
N THR A 387 22.02 7.14 -5.60
CA THR A 387 23.17 6.59 -6.27
C THR A 387 22.79 5.69 -7.44
N ASP A 388 23.74 5.51 -8.34
CA ASP A 388 23.57 4.69 -9.52
C ASP A 388 23.53 3.23 -9.13
N TYR A 389 22.86 2.44 -9.97
CA TYR A 389 22.88 0.98 -9.82
C TYR A 389 24.05 0.44 -10.65
N ILE A 390 24.90 -0.36 -9.99
CA ILE A 390 26.02 -1.03 -10.63
C ILE A 390 25.79 -2.53 -10.48
N ASN A 391 25.85 -3.26 -11.59
CA ASN A 391 25.56 -4.69 -11.55
C ASN A 391 26.81 -5.51 -11.13
N TYR A 392 26.99 -5.68 -9.83
CA TYR A 392 28.15 -6.42 -9.30
C TYR A 392 27.95 -7.92 -9.43
N ALA A 393 26.70 -8.35 -9.58
CA ALA A 393 26.39 -9.77 -9.76
C ALA A 393 26.91 -10.32 -11.08
N ALA A 394 27.05 -11.65 -11.15
CA ALA A 394 27.22 -12.32 -12.42
C ALA A 394 25.88 -12.26 -13.18
N GLY A 395 25.89 -12.64 -14.44
CA GLY A 395 24.67 -12.66 -15.25
C GLY A 395 24.52 -11.46 -16.20
N PRO A 396 23.35 -11.35 -16.84
CA PRO A 396 23.10 -10.38 -17.92
C PRO A 396 22.61 -9.01 -17.46
N GLY A 397 22.62 -8.73 -16.16
CA GLY A 397 22.22 -7.42 -15.66
C GLY A 397 23.10 -6.28 -16.16
N LYS A 398 22.50 -5.09 -16.25
CA LYS A 398 23.22 -3.88 -16.67
CA LYS A 398 23.17 -3.85 -16.69
C LYS A 398 23.21 -2.84 -15.57
N ASP A 399 24.19 -1.94 -15.63
CA ASP A 399 24.23 -0.78 -14.79
C ASP A 399 23.07 0.15 -15.16
N MSE A 400 22.63 0.97 -14.21
CA MSE A 400 21.58 1.96 -14.50
C MSE A 400 21.88 3.26 -13.75
O MSE A 400 22.08 3.28 -12.51
CB MSE A 400 20.19 1.42 -14.08
CG MSE A 400 19.78 0.10 -14.70
SE MSE A 400 18.03 -0.48 -14.13
CE MSE A 400 18.41 -0.79 -12.22
N LYS A 401 21.86 4.35 -14.51
CA LYS A 401 22.02 5.67 -13.94
CA LYS A 401 22.03 5.66 -13.93
C LYS A 401 20.81 6.02 -13.07
N ALA A 402 21.06 6.61 -11.90
CA ALA A 402 19.96 6.97 -10.98
C ALA A 402 18.99 7.88 -11.68
N LEU A 403 17.72 7.51 -11.64
CA LEU A 403 16.68 8.35 -12.22
C LEU A 403 16.25 9.47 -11.29
N ILE A 404 16.39 9.26 -9.98
CA ILE A 404 15.98 10.25 -8.97
C ILE A 404 17.15 11.18 -8.68
N THR A 405 16.95 12.47 -8.87
CA THR A 405 17.97 13.46 -8.60
C THR A 405 17.59 14.44 -7.46
N THR A 406 16.37 14.35 -6.94
CA THR A 406 15.95 15.30 -5.92
C THR A 406 16.53 14.92 -4.55
N THR A 407 16.83 15.91 -3.73
CA THR A 407 17.44 15.72 -2.40
C THR A 407 16.34 15.62 -1.33
N PRO A 408 16.72 15.31 -0.09
CA PRO A 408 15.70 15.36 0.95
C PRO A 408 15.29 16.76 1.39
N ASN A 409 16.07 17.77 1.01
CA ASN A 409 15.83 19.15 1.43
CA ASN A 409 15.80 19.13 1.45
C ASN A 409 14.66 19.77 0.65
N PHE A 410 13.58 20.07 1.34
CA PHE A 410 12.36 20.56 0.67
C PHE A 410 12.60 21.87 -0.07
N ASP A 411 13.47 22.72 0.50
CA ASP A 411 13.81 24.01 -0.09
C ASP A 411 14.57 23.92 -1.40
N ASP A 412 15.22 22.78 -1.67
N ASP A 412 15.18 22.78 -1.71
CA ASP A 412 15.92 22.53 -2.92
CA ASP A 412 15.95 22.61 -2.92
C ASP A 412 14.97 22.02 -3.98
C ASP A 412 15.04 22.62 -4.18
N ALA A 413 13.73 22.49 -4.02
CA ALA A 413 12.85 22.21 -5.17
C ALA A 413 12.85 23.40 -6.12
N VAL A 414 13.02 23.14 -7.42
CA VAL A 414 12.95 24.19 -8.44
C VAL A 414 11.51 24.53 -8.86
N ASN A 415 10.57 23.64 -8.58
CA ASN A 415 9.17 23.91 -8.92
C ASN A 415 8.28 23.01 -8.09
N GLN A 416 6.98 23.16 -8.18
N GLN A 416 6.97 23.29 -8.19
CA GLN A 416 6.13 22.43 -7.25
CA GLN A 416 5.86 22.57 -7.54
C GLN A 416 5.92 20.97 -7.67
C GLN A 416 6.03 21.08 -7.68
N GLU A 417 6.15 20.66 -8.94
CA GLU A 417 6.24 19.27 -9.32
C GLU A 417 7.41 18.55 -8.56
N GLU A 418 8.55 19.20 -8.42
CA GLU A 418 9.67 18.61 -7.67
C GLU A 418 9.30 18.54 -6.18
N GLN A 419 8.55 19.52 -5.69
CA GLN A 419 8.08 19.44 -4.31
C GLN A 419 7.18 18.23 -4.10
N LEU A 420 6.26 17.99 -5.03
CA LEU A 420 5.44 16.81 -4.96
C LEU A 420 6.32 15.54 -5.02
N GLU A 421 7.32 15.54 -5.88
CA GLU A 421 8.24 14.41 -5.97
C GLU A 421 8.90 14.11 -4.63
N LYS A 422 9.35 15.14 -3.93
CA LYS A 422 9.95 14.96 -2.60
C LYS A 422 8.94 14.35 -1.63
N ILE A 423 7.74 14.91 -1.62
CA ILE A 423 6.67 14.43 -0.74
C ILE A 423 6.40 12.95 -1.00
N ILE A 424 6.21 12.59 -2.26
CA ILE A 424 5.85 11.20 -2.57
C ILE A 424 7.05 10.27 -2.35
N THR A 425 8.25 10.72 -2.69
CA THR A 425 9.44 9.87 -2.49
C THR A 425 9.66 9.58 -1.01
N GLN A 426 9.53 10.62 -0.18
CA GLN A 426 9.63 10.42 1.27
C GLN A 426 8.47 9.61 1.84
N LYS A 427 7.28 9.79 1.27
CA LYS A 427 6.15 8.96 1.69
C LYS A 427 6.44 7.50 1.35
N TRP A 428 7.04 7.26 0.19
CA TRP A 428 7.39 5.88 -0.25
C TRP A 428 8.39 5.25 0.71
N ILE A 429 9.40 6.00 1.14
CA ILE A 429 10.30 5.47 2.17
C ILE A 429 9.50 5.14 3.45
N ALA A 430 8.58 6.03 3.81
CA ALA A 430 7.84 5.95 5.06
C ALA A 430 6.76 4.88 5.09
N CYS A 431 6.24 4.47 3.91
CA CYS A 431 5.20 3.42 3.84
C CYS A 431 5.77 2.01 3.93
N TRP A 432 7.10 1.88 3.87
CA TRP A 432 7.79 0.59 3.88
C TRP A 432 7.41 -0.17 5.15
N PRO A 433 7.18 -1.50 5.03
CA PRO A 433 7.36 -2.39 3.88
C PRO A 433 6.11 -2.67 3.04
N GLU A 434 5.10 -1.82 3.18
CA GLU A 434 3.77 -2.10 2.63
C GLU A 434 3.71 -1.70 1.17
N GLY A 435 3.90 -2.68 0.30
CA GLY A 435 4.09 -2.45 -1.12
C GLY A 435 2.87 -1.98 -1.89
N MSE A 436 1.66 -2.29 -1.42
CA MSE A 436 0.45 -1.85 -2.14
C MSE A 436 0.29 -0.34 -2.16
O MSE A 436 0.12 0.24 -3.22
CB MSE A 436 -0.82 -2.50 -1.65
CG MSE A 436 -0.82 -3.99 -1.74
SE MSE A 436 -2.61 -4.67 -2.11
CE MSE A 436 -2.11 -6.53 -2.21
N GLU A 437 0.34 0.31 -0.99
CA GLU A 437 0.22 1.77 -1.02
C GLU A 437 1.35 2.40 -1.84
N ALA A 438 2.55 1.84 -1.70
CA ALA A 438 3.73 2.37 -2.42
C ALA A 438 3.56 2.29 -3.93
N TRP A 439 3.09 1.14 -4.39
CA TRP A 439 2.90 0.92 -5.80
C TRP A 439 1.73 1.75 -6.36
N ALA A 440 0.63 1.85 -5.63
CA ALA A 440 -0.50 2.64 -6.05
C ALA A 440 -0.09 4.09 -6.25
N GLU A 441 0.63 4.63 -5.29
CA GLU A 441 1.07 6.03 -5.39
C GLU A 441 2.11 6.27 -6.47
N GLN A 442 2.96 5.28 -6.71
CA GLN A 442 3.91 5.39 -7.81
C GLN A 442 3.20 5.47 -9.17
N ARG A 443 2.17 4.65 -9.34
CA ARG A 443 1.38 4.68 -10.56
C ARG A 443 0.58 5.95 -10.68
N ARG A 444 0.08 6.46 -9.55
CA ARG A 444 -0.78 7.62 -9.55
C ARG A 444 0.04 8.88 -9.87
N THR A 445 1.22 8.99 -9.26
CA THR A 445 1.97 10.28 -9.35
C THR A 445 3.21 10.24 -10.23
N GLY A 446 3.70 9.04 -10.54
CA GLY A 446 4.99 8.87 -11.23
C GLY A 446 6.21 8.87 -10.31
N TYR A 447 5.96 8.94 -9.00
CA TYR A 447 7.00 9.06 -8.00
C TYR A 447 6.90 7.93 -6.97
N PRO A 448 8.05 7.48 -6.46
CA PRO A 448 9.39 7.87 -6.88
C PRO A 448 9.70 7.34 -8.26
N LYS A 449 10.78 7.86 -8.87
CA LYS A 449 11.19 7.45 -10.23
C LYS A 449 11.94 6.12 -10.19
N LEU A 450 11.15 5.06 -10.13
CA LEU A 450 11.66 3.70 -10.12
C LEU A 450 12.48 3.40 -11.39
N PHE A 451 13.56 2.65 -11.20
CA PHE A 451 14.28 2.09 -12.32
C PHE A 451 13.34 1.27 -13.17
N LYS A 452 13.47 1.40 -14.49
CA LYS A 452 12.67 0.61 -15.45
C LYS A 452 13.18 -0.82 -15.62
N VAL A 453 12.31 -1.74 -16.03
CA VAL A 453 12.70 -3.11 -16.24
C VAL A 453 13.80 -3.18 -17.31
N GLN A 454 14.78 -4.06 -17.12
CA GLN A 454 15.88 -4.16 -18.08
C GLN A 454 15.43 -4.92 -19.32
N THR A 455 14.57 -5.91 -19.12
CA THR A 455 13.97 -6.73 -20.19
C THR A 455 12.45 -6.72 -20.02
N ASN A 456 11.75 -6.48 -21.13
CA ASN A 456 10.29 -6.36 -21.15
C ASN A 456 9.73 -7.45 -22.04
N ASN A 457 9.28 -8.55 -21.42
CA ASN A 457 8.72 -9.68 -22.16
C ASN A 457 7.20 -9.70 -22.10
N SER A 458 6.58 -8.51 -22.11
CA SER A 458 5.13 -8.40 -22.02
C SER A 458 4.41 -8.54 -23.38
N ASN A 459 5.16 -8.87 -24.43
CA ASN A 459 4.58 -9.00 -25.78
CA ASN A 459 4.61 -8.99 -25.79
C ASN A 459 3.91 -7.70 -26.22
N GLY A 460 4.50 -6.56 -25.86
CA GLY A 460 3.96 -5.26 -26.21
C GLY A 460 2.78 -4.76 -25.37
N THR A 461 2.36 -5.50 -24.35
CA THR A 461 1.17 -5.13 -23.55
C THR A 461 1.48 -4.10 -22.46
N ILE A 462 2.75 -4.04 -22.03
CA ILE A 462 3.22 -3.05 -21.07
C ILE A 462 4.42 -2.28 -21.65
N ASP A 463 4.40 -0.96 -21.51
CA ASP A 463 5.46 -0.08 -22.01
C ASP A 463 6.54 0.06 -20.94
N THR A 464 7.79 -0.10 -21.34
CA THR A 464 8.90 -0.02 -20.39
C THR A 464 8.93 1.32 -19.64
N ASP A 465 8.83 2.43 -20.36
CA ASP A 465 8.90 3.75 -19.73
C ASP A 465 7.64 4.17 -18.95
N ILE A 466 6.45 3.89 -19.49
CA ILE A 466 5.23 4.19 -18.73
C ILE A 466 5.21 3.30 -17.47
N MSE A 467 5.66 2.07 -17.63
CA MSE A 467 5.71 1.03 -16.60
C MSE A 467 4.32 0.41 -16.39
O MSE A 467 3.29 0.93 -16.88
CB MSE A 467 6.31 1.54 -15.28
CG MSE A 467 7.58 2.36 -15.45
SE MSE A 467 8.41 2.83 -13.75
CE MSE A 467 9.02 1.05 -13.30
N ILE A 468 4.33 -0.71 -15.66
CA ILE A 468 3.11 -1.45 -15.40
C ILE A 468 2.07 -0.56 -14.68
N ARG A 469 0.83 -0.65 -15.13
CA ARG A 469 -0.24 0.23 -14.67
C ARG A 469 -1.25 -0.44 -13.73
N ARG A 470 -1.30 -1.76 -13.78
CA ARG A 470 -2.32 -2.54 -13.08
C ARG A 470 -2.00 -4.02 -13.25
N LEU A 471 -2.73 -4.85 -12.53
CA LEU A 471 -2.73 -6.28 -12.80
C LEU A 471 -3.96 -6.66 -13.59
N PRO A 472 -3.84 -7.64 -14.48
CA PRO A 472 -5.04 -8.11 -15.20
C PRO A 472 -6.08 -8.71 -14.27
N PHE A 473 -7.34 -8.72 -14.70
CA PHE A 473 -8.39 -9.36 -13.93
C PHE A 473 -8.12 -10.86 -13.70
N SER A 474 -8.70 -11.38 -12.64
CA SER A 474 -8.54 -12.80 -12.30
C SER A 474 -9.14 -13.68 -13.38
N GLN A 475 -8.31 -14.50 -14.05
CA GLN A 475 -8.84 -15.50 -14.97
C GLN A 475 -9.56 -16.64 -14.25
N ASP A 476 -9.26 -16.87 -12.98
CA ASP A 476 -10.02 -17.87 -12.21
C ASP A 476 -11.47 -17.41 -12.04
N ASP A 477 -11.65 -16.12 -11.72
CA ASP A 477 -13.00 -15.56 -11.70
C ASP A 477 -13.63 -15.51 -13.11
N ALA A 478 -12.87 -15.13 -14.13
CA ALA A 478 -13.39 -15.12 -15.50
C ALA A 478 -13.91 -16.49 -15.94
N LYS A 479 -13.24 -17.57 -15.53
CA LYS A 479 -13.69 -18.90 -15.90
C LYS A 479 -15.00 -19.28 -15.21
N LYS A 480 -15.22 -18.75 -14.00
CA LYS A 480 -16.47 -19.02 -13.28
C LYS A 480 -17.56 -18.14 -13.82
N ASP A 481 -17.20 -16.96 -14.30
CA ASP A 481 -18.21 -15.97 -14.63
C ASP A 481 -17.78 -15.12 -15.85
N PRO A 482 -17.97 -15.67 -17.05
CA PRO A 482 -17.56 -14.96 -18.26
C PRO A 482 -18.36 -13.66 -18.48
N GLU A 483 -19.65 -13.61 -18.13
CA GLU A 483 -20.41 -12.36 -18.25
CA GLU A 483 -20.44 -12.36 -18.20
C GLU A 483 -19.80 -11.29 -17.35
N GLN A 484 -19.50 -11.63 -16.09
CA GLN A 484 -18.86 -10.65 -15.23
C GLN A 484 -17.51 -10.17 -15.77
N TYR A 485 -16.73 -11.08 -16.33
CA TYR A 485 -15.44 -10.70 -16.92
C TYR A 485 -15.65 -9.67 -18.04
N LYS A 486 -16.65 -9.91 -18.89
CA LYS A 486 -16.97 -8.95 -19.93
C LYS A 486 -17.34 -7.59 -19.32
N ASN A 487 -18.16 -7.61 -18.25
CA ASN A 487 -18.53 -6.37 -17.56
C ASN A 487 -17.38 -5.63 -16.90
N LEU A 488 -16.43 -6.38 -16.35
CA LEU A 488 -15.23 -5.81 -15.78
C LEU A 488 -14.39 -5.12 -16.87
N CYS A 489 -14.22 -5.81 -18.00
CA CYS A 489 -13.54 -5.25 -19.16
C CYS A 489 -14.18 -3.97 -19.69
N THR A 490 -15.49 -3.98 -19.85
CA THR A 490 -16.24 -2.77 -20.21
C THR A 490 -15.99 -1.62 -19.24
N ALA A 491 -16.05 -1.90 -17.94
CA ALA A 491 -15.82 -0.89 -16.90
C ALA A 491 -14.39 -0.37 -16.92
N LEU A 492 -13.43 -1.19 -17.35
CA LEU A 492 -12.04 -0.77 -17.40
C LEU A 492 -11.79 0.28 -18.47
N GLY A 493 -12.53 0.19 -19.57
CA GLY A 493 -12.41 1.19 -20.65
C GLY A 493 -11.13 1.03 -21.46
N GLY A 494 -10.55 -0.16 -21.45
CA GLY A 494 -9.32 -0.45 -22.18
C GLY A 494 -9.04 -1.94 -22.14
N ALA A 495 -7.96 -2.36 -22.80
CA ALA A 495 -7.57 -3.77 -22.82
C ALA A 495 -7.27 -4.31 -21.41
N ASP A 496 -7.69 -5.54 -21.12
CA ASP A 496 -7.38 -6.18 -19.85
C ASP A 496 -5.94 -6.71 -19.84
N ASN A 497 -4.99 -5.81 -19.70
CA ASN A 497 -3.59 -6.17 -19.56
C ASN A 497 -2.92 -5.14 -18.65
N GLY A 498 -1.62 -5.29 -18.44
CA GLY A 498 -0.93 -4.49 -17.48
C GLY A 498 -0.62 -3.07 -17.93
N GLY A 499 -0.93 -2.72 -19.19
CA GLY A 499 -0.62 -1.39 -19.72
C GLY A 499 -1.78 -0.40 -19.68
N THR A 500 -2.95 -0.85 -19.29
CA THR A 500 -4.12 0.03 -19.24
C THR A 500 -4.19 0.83 -17.94
N ARG A 501 -4.23 2.15 -18.05
CA ARG A 501 -4.30 3.01 -16.89
C ARG A 501 -5.63 2.87 -16.14
N LEU A 502 -5.55 2.84 -14.81
CA LEU A 502 -6.73 2.90 -13.98
C LEU A 502 -7.32 4.30 -13.97
N TRP A 503 -8.57 4.41 -13.55
CA TRP A 503 -9.29 5.68 -13.55
C TRP A 503 -8.52 6.83 -12.87
N TRP A 504 -7.92 6.56 -11.72
CA TRP A 504 -7.18 7.62 -10.99
C TRP A 504 -5.80 7.95 -11.54
N ASP A 505 -5.38 7.21 -12.55
CA ASP A 505 -4.07 7.37 -13.20
C ASP A 505 -4.30 8.15 -14.48
N THR A 506 -3.98 9.44 -14.43
CA THR A 506 -4.17 10.33 -15.60
C THR A 506 -2.89 10.45 -16.43
N GLY A 507 -1.79 9.92 -15.94
CA GLY A 507 -0.52 10.03 -16.63
C GLY A 507 0.21 11.33 -16.34
N LYS A 508 -0.39 12.23 -15.57
CA LYS A 508 0.33 13.42 -15.12
C LYS A 508 -0.31 14.02 -13.91
N ASN A 509 0.46 14.81 -13.17
CA ASN A 509 -0.05 15.45 -12.01
C ASN A 509 -0.68 16.76 -12.48
N ASN A 510 -1.96 16.91 -12.15
CA ASN A 510 -2.78 18.05 -12.54
C ASN A 510 -3.04 18.83 -11.25
N PHE A 511 -2.53 20.05 -11.18
CA PHE A 511 -2.83 20.94 -10.05
C PHE A 511 -3.97 21.91 -10.39
C1 GOL B . -16.65 -11.72 -7.17
O1 GOL B . -16.67 -12.52 -8.33
C2 GOL B . -17.32 -12.44 -5.99
O2 GOL B . -16.71 -13.70 -5.79
C3 GOL B . -18.79 -12.67 -6.27
O3 GOL B . -19.36 -11.42 -6.58
C1 GOL C . -12.90 -15.73 -7.71
O1 GOL C . -13.66 -14.97 -6.80
C2 GOL C . -12.48 -17.01 -7.02
O2 GOL C . -13.62 -17.77 -6.67
C3 GOL C . -11.57 -17.83 -7.92
O3 GOL C . -10.81 -18.71 -7.11
C1 PGE D . 16.97 -19.83 4.39
O1 PGE D . 17.23 -19.62 2.99
C2 PGE D . 17.72 -18.79 5.22
O2 PGE D . 16.92 -17.61 5.38
C3 PGE D . 17.48 -16.61 6.23
C4 PGE D . 18.19 -15.52 5.42
O4 PGE D . 21.22 -14.21 2.39
C6 PGE D . 20.64 -14.99 3.43
C5 PGE D . 19.12 -14.99 3.28
O3 PGE D . 18.49 -15.98 4.10
NA NA E . 8.07 6.11 -25.04
C ACT F . -0.39 -13.21 19.77
O ACT F . -1.16 -12.92 18.80
OXT ACT F . -0.41 -14.41 20.15
CH3 ACT F . 0.50 -12.21 20.42
#